data_2CPO
#
_entry.id   2CPO
#
_cell.length_a   58.620
_cell.length_b   152.170
_cell.length_c   102.100
_cell.angle_alpha   90.00
_cell.angle_beta   90.00
_cell.angle_gamma   90.00
#
_symmetry.space_group_name_H-M   'C 2 2 21'
#
loop_
_entity.id
_entity.type
_entity.pdbx_description
1 polymer CHLOROPEROXIDASE
2 branched 2-acetamido-2-deoxy-beta-D-glucopyranose-(1-4)-2-acetamido-2-deoxy-beta-D-glucopyranose
3 non-polymer 2-acetamido-2-deoxy-beta-D-glucopyranose
4 non-polymer alpha-D-mannopyranose
5 non-polymer 'MANGANESE (II) ION'
6 non-polymer 'PROTOPORPHYRIN IX CONTAINING FE'
7 water water
#
_entity_poly.entity_id   1
_entity_poly.type   'polypeptide(L)'
_entity_poly.pdbx_seq_one_letter_code
;(PCA)EPGSGIGYPYDNNTLPYVAPGPTDSRAPCPALNALANHGYIPHDGRAISRETLQNAFLNHMGIANSVIELALTNA
FVVCEYVTGSDCGDSLVNLTLLAEPHAFEHDHSFSRKDYKQGVANSNDFIDNRNFDAETFQTSLDVVAGKTHFDYADMNE
IRLQRESLSNELDFPGWFTESKPIQNVESGFIFALVSDFNLPDNDENPLVRIDWWKYWFTNESFPYHLGWHPPSPAREIE
FVTSASSAVLAASVTSTPSSLPSGAIGPGAEAVPLSFASTMTPFLLATNAPYYAQDPTLGPND
;
_entity_poly.pdbx_strand_id   A
#
loop_
_chem_comp.id
_chem_comp.type
_chem_comp.name
_chem_comp.formula
HEM non-polymer 'PROTOPORPHYRIN IX CONTAINING FE' 'C34 H32 Fe N4 O4'
MAN D-saccharide, alpha linking alpha-D-mannopyranose 'C6 H12 O6'
MN non-polymer 'MANGANESE (II) ION' 'Mn 2'
NAG D-saccharide, beta linking 2-acetamido-2-deoxy-beta-D-glucopyranose 'C8 H15 N O6'
#
# COMPACT_ATOMS: atom_id res chain seq x y z
N PCA A 1 18.50 1.97 -8.60
CA PCA A 1 19.42 2.63 -9.55
CB PCA A 1 19.82 3.95 -8.92
CG PCA A 1 18.58 4.27 -8.08
CD PCA A 1 18.20 2.90 -7.50
OE PCA A 1 17.13 2.79 -6.84
C PCA A 1 20.64 1.74 -9.83
O PCA A 1 20.90 0.78 -9.11
N GLU A 2 21.34 2.03 -10.93
CA GLU A 2 22.55 1.28 -11.27
C GLU A 2 23.46 1.40 -10.06
N PRO A 3 24.08 0.31 -9.63
CA PRO A 3 24.98 0.32 -8.47
C PRO A 3 26.01 1.46 -8.47
N GLY A 4 26.66 1.65 -9.60
CA GLY A 4 27.69 2.68 -9.68
C GLY A 4 27.23 4.12 -9.73
N SER A 5 25.93 4.35 -9.82
CA SER A 5 25.43 5.70 -9.90
C SER A 5 25.59 6.48 -8.60
N GLY A 6 25.51 5.78 -7.48
CA GLY A 6 25.64 6.43 -6.19
C GLY A 6 24.41 7.26 -5.81
N ILE A 7 23.28 7.00 -6.45
CA ILE A 7 22.06 7.74 -6.17
C ILE A 7 21.56 7.56 -4.72
N GLY A 8 21.62 6.34 -4.19
CA GLY A 8 21.16 6.10 -2.84
C GLY A 8 22.17 6.34 -1.73
N TYR A 9 23.40 6.67 -2.10
CA TYR A 9 24.49 6.93 -1.15
C TYR A 9 24.19 8.19 -0.31
N PRO A 10 24.48 8.14 0.99
CA PRO A 10 25.06 7.02 1.72
C PRO A 10 24.03 6.23 2.53
N TYR A 11 22.77 6.28 2.11
CA TYR A 11 21.71 5.58 2.82
C TYR A 11 21.53 4.14 2.36
N ASP A 12 21.70 3.93 1.06
CA ASP A 12 21.59 2.61 0.47
C ASP A 12 22.76 2.52 -0.50
N ASN A 13 23.80 1.82 -0.09
CA ASN A 13 25.01 1.67 -0.90
C ASN A 13 24.99 0.46 -1.85
N ASN A 14 23.89 -0.28 -1.89
CA ASN A 14 23.78 -1.45 -2.77
C ASN A 14 22.44 -1.46 -3.48
N THR A 15 22.29 -0.56 -4.45
CA THR A 15 21.04 -0.46 -5.20
C THR A 15 21.07 -1.29 -6.48
N LEU A 16 19.88 -1.56 -7.00
CA LEU A 16 19.71 -2.29 -8.24
C LEU A 16 18.76 -1.45 -9.12
N PRO A 17 18.90 -1.56 -10.45
CA PRO A 17 18.08 -0.82 -11.42
C PRO A 17 16.60 -1.18 -11.43
N TYR A 18 15.79 -0.28 -11.96
CA TYR A 18 14.37 -0.50 -12.10
C TYR A 18 14.19 -1.26 -13.41
N VAL A 19 13.33 -2.27 -13.41
CA VAL A 19 13.03 -3.05 -14.60
C VAL A 19 11.53 -3.24 -14.60
N ALA A 20 10.85 -2.77 -15.64
CA ALA A 20 9.39 -2.88 -15.70
C ALA A 20 8.92 -4.33 -15.74
N PRO A 21 7.81 -4.63 -15.07
CA PRO A 21 7.28 -6.00 -15.06
C PRO A 21 6.71 -6.39 -16.44
N GLY A 22 6.75 -7.69 -16.73
CA GLY A 22 6.24 -8.19 -18.00
C GLY A 22 4.88 -8.83 -17.81
N PRO A 23 4.22 -9.24 -18.90
CA PRO A 23 2.91 -9.88 -18.89
C PRO A 23 2.83 -11.10 -17.98
N THR A 24 3.96 -11.79 -17.80
CA THR A 24 3.99 -12.98 -16.97
C THR A 24 4.43 -12.78 -15.52
N ASP A 25 4.93 -11.59 -15.21
CA ASP A 25 5.37 -11.30 -13.84
C ASP A 25 4.20 -11.16 -12.91
N SER A 26 4.41 -11.48 -11.64
CA SER A 26 3.37 -11.38 -10.63
C SER A 26 3.57 -10.11 -9.80
N ARG A 27 2.52 -9.29 -9.70
CA ARG A 27 2.57 -8.06 -8.91
C ARG A 27 1.43 -8.06 -7.90
N ALA A 28 1.54 -7.22 -6.88
CA ALA A 28 0.55 -7.16 -5.81
C ALA A 28 -0.25 -5.86 -5.75
N PRO A 29 -1.24 -5.78 -4.84
CA PRO A 29 -2.03 -4.54 -4.72
C PRO A 29 -1.31 -3.63 -3.72
N CYS A 30 0.00 -3.80 -3.58
CA CYS A 30 0.79 -3.04 -2.63
C CYS A 30 1.90 -2.27 -3.33
N PRO A 31 1.89 -0.93 -3.20
CA PRO A 31 2.92 -0.12 -3.82
C PRO A 31 4.33 -0.39 -3.29
N ALA A 32 4.44 -0.81 -2.02
CA ALA A 32 5.77 -1.11 -1.44
C ALA A 32 6.36 -2.40 -2.03
N LEU A 33 5.56 -3.47 -2.08
CA LEU A 33 6.02 -4.74 -2.62
C LEU A 33 6.38 -4.64 -4.09
N ASN A 34 5.56 -3.92 -4.85
CA ASN A 34 5.79 -3.76 -6.29
C ASN A 34 7.08 -3.02 -6.57
N ALA A 35 7.40 -2.00 -5.79
CA ALA A 35 8.64 -1.24 -5.99
C ALA A 35 9.85 -2.12 -5.72
N LEU A 36 9.79 -2.93 -4.66
CA LEU A 36 10.87 -3.85 -4.31
C LEU A 36 11.10 -4.87 -5.43
N ALA A 37 10.03 -5.48 -5.91
CA ALA A 37 10.11 -6.48 -7.00
C ALA A 37 10.61 -5.86 -8.30
N ASN A 38 10.19 -4.63 -8.60
CA ASN A 38 10.63 -3.94 -9.82
C ASN A 38 12.14 -3.73 -9.79
N HIS A 39 12.69 -3.66 -8.60
CA HIS A 39 14.13 -3.47 -8.44
C HIS A 39 14.88 -4.78 -8.22
N GLY A 40 14.15 -5.86 -8.01
CA GLY A 40 14.78 -7.14 -7.81
C GLY A 40 15.26 -7.36 -6.39
N TYR A 41 14.73 -6.59 -5.45
CA TYR A 41 15.09 -6.72 -4.03
C TYR A 41 14.38 -7.96 -3.53
N ILE A 42 13.28 -8.28 -4.20
CA ILE A 42 12.54 -9.50 -3.99
C ILE A 42 12.43 -9.99 -5.46
N PRO A 43 12.24 -11.29 -5.68
CA PRO A 43 12.15 -11.83 -7.04
C PRO A 43 11.37 -10.95 -8.04
N HIS A 44 12.03 -10.56 -9.13
CA HIS A 44 11.42 -9.70 -10.13
C HIS A 44 10.13 -10.28 -10.73
N ASP A 45 9.96 -11.60 -10.70
CA ASP A 45 8.75 -12.19 -11.24
C ASP A 45 7.65 -12.32 -10.19
N GLY A 46 7.95 -11.87 -8.98
CA GLY A 46 6.98 -11.91 -7.90
C GLY A 46 6.54 -13.28 -7.40
N ARG A 47 7.42 -14.29 -7.47
CA ARG A 47 7.08 -15.64 -7.01
C ARG A 47 8.10 -16.25 -6.04
N ALA A 48 7.63 -17.18 -5.22
CA ALA A 48 8.47 -17.90 -4.23
C ALA A 48 9.28 -16.96 -3.35
N ILE A 49 8.61 -16.24 -2.47
CA ILE A 49 9.28 -15.27 -1.62
C ILE A 49 9.27 -15.64 -0.14
N SER A 50 10.45 -15.66 0.47
CA SER A 50 10.55 -16.03 1.89
C SER A 50 10.43 -14.81 2.80
N ARG A 51 10.06 -15.07 4.06
CA ARG A 51 9.91 -14.00 5.05
C ARG A 51 11.20 -13.20 5.18
N GLU A 52 12.32 -13.92 5.24
CA GLU A 52 13.61 -13.31 5.41
C GLU A 52 14.04 -12.41 4.25
N THR A 53 13.62 -12.78 3.04
CA THR A 53 13.94 -11.95 1.87
C THR A 53 13.15 -10.65 2.01
N LEU A 54 11.89 -10.77 2.44
CA LEU A 54 11.02 -9.61 2.65
C LEU A 54 11.63 -8.69 3.72
N GLN A 55 11.97 -9.26 4.87
CA GLN A 55 12.56 -8.49 5.97
C GLN A 55 13.83 -7.72 5.58
N ASN A 56 14.73 -8.37 4.86
CA ASN A 56 15.97 -7.71 4.46
C ASN A 56 15.75 -6.65 3.39
N ALA A 57 14.86 -6.92 2.44
CA ALA A 57 14.57 -5.95 1.39
C ALA A 57 14.01 -4.67 2.00
N PHE A 58 13.04 -4.82 2.90
CA PHE A 58 12.42 -3.67 3.55
C PHE A 58 13.40 -2.88 4.39
N LEU A 59 14.14 -3.58 5.26
CA LEU A 59 15.12 -2.91 6.13
C LEU A 59 16.25 -2.22 5.40
N ASN A 60 16.91 -2.95 4.53
CA ASN A 60 18.06 -2.42 3.80
C ASN A 60 17.78 -1.44 2.67
N HIS A 61 16.62 -1.54 2.03
CA HIS A 61 16.34 -0.63 0.92
C HIS A 61 15.23 0.38 1.11
N MET A 62 14.43 0.24 2.17
CA MET A 62 13.33 1.17 2.42
C MET A 62 13.36 1.81 3.81
N GLY A 63 14.32 1.40 4.64
CA GLY A 63 14.44 1.95 5.99
C GLY A 63 13.27 1.59 6.87
N ILE A 64 12.71 0.40 6.65
CA ILE A 64 11.58 -0.09 7.42
C ILE A 64 12.04 -1.30 8.26
N ALA A 65 12.03 -1.14 9.58
CA ALA A 65 12.46 -2.22 10.47
C ALA A 65 11.51 -3.41 10.49
N ASN A 66 12.01 -4.54 11.00
CA ASN A 66 11.25 -5.78 11.09
C ASN A 66 9.91 -5.66 11.85
N SER A 67 9.92 -4.92 12.95
CA SER A 67 8.72 -4.76 13.76
C SER A 67 7.52 -4.23 12.96
N VAL A 68 7.80 -3.38 11.98
CA VAL A 68 6.77 -2.79 11.15
C VAL A 68 5.98 -3.81 10.32
N ILE A 69 6.67 -4.82 9.79
CA ILE A 69 6.02 -5.83 8.95
C ILE A 69 5.72 -7.17 9.60
N GLU A 70 5.82 -7.25 10.92
CA GLU A 70 5.57 -8.49 11.62
C GLU A 70 4.19 -9.05 11.33
N LEU A 71 3.15 -8.25 11.56
CA LEU A 71 1.78 -8.68 11.32
C LEU A 71 1.49 -8.87 9.83
N ALA A 72 2.01 -7.98 9.00
CA ALA A 72 1.81 -8.06 7.55
C ALA A 72 2.31 -9.41 6.99
N LEU A 73 3.40 -9.90 7.57
CA LEU A 73 4.02 -11.18 7.19
C LEU A 73 3.07 -12.33 7.53
N THR A 74 2.60 -12.33 8.77
CA THR A 74 1.67 -13.34 9.24
C THR A 74 0.42 -13.40 8.36
N ASN A 75 -0.18 -12.23 8.11
CA ASN A 75 -1.38 -12.16 7.28
C ASN A 75 -1.15 -12.57 5.83
N ALA A 76 0.03 -12.28 5.29
CA ALA A 76 0.37 -12.65 3.92
C ALA A 76 0.34 -14.19 3.79
N PHE A 77 0.93 -14.88 4.76
CA PHE A 77 0.97 -16.35 4.72
C PHE A 77 -0.37 -17.00 5.03
N VAL A 78 -1.18 -16.35 5.85
CA VAL A 78 -2.53 -16.86 6.19
C VAL A 78 -3.37 -16.84 4.90
N VAL A 79 -3.27 -15.76 4.14
CA VAL A 79 -4.01 -15.59 2.88
C VAL A 79 -3.51 -16.57 1.81
N CYS A 80 -2.20 -16.82 1.80
CA CYS A 80 -1.62 -17.76 0.84
C CYS A 80 -2.27 -19.14 1.02
N GLU A 81 -2.42 -19.58 2.27
CA GLU A 81 -3.02 -20.87 2.56
C GLU A 81 -4.49 -20.90 2.16
N TYR A 82 -5.21 -19.83 2.50
CA TYR A 82 -6.63 -19.70 2.19
C TYR A 82 -6.88 -19.77 0.68
N VAL A 83 -6.03 -19.11 -0.10
CA VAL A 83 -6.17 -19.09 -1.55
C VAL A 83 -5.68 -20.37 -2.27
N THR A 84 -4.49 -20.85 -1.91
CA THR A 84 -3.95 -22.05 -2.55
C THR A 84 -4.58 -23.34 -2.04
N GLY A 85 -5.03 -23.32 -0.80
CA GLY A 85 -5.64 -24.50 -0.20
C GLY A 85 -4.67 -25.29 0.65
N SER A 86 -3.40 -24.90 0.67
CA SER A 86 -2.40 -25.60 1.46
C SER A 86 -1.41 -24.63 2.06
N ASP A 87 -0.78 -25.05 3.15
CA ASP A 87 0.21 -24.24 3.85
C ASP A 87 1.30 -23.86 2.87
N CYS A 88 1.72 -22.59 2.89
CA CYS A 88 2.75 -22.13 1.98
C CYS A 88 4.14 -22.15 2.59
N GLY A 89 4.23 -22.62 3.84
CA GLY A 89 5.51 -22.72 4.53
C GLY A 89 6.22 -21.39 4.58
N ASP A 90 7.39 -21.31 3.95
CA ASP A 90 8.17 -20.09 3.91
C ASP A 90 8.48 -19.74 2.46
N SER A 91 7.49 -19.90 1.60
CA SER A 91 7.61 -19.60 0.19
C SER A 91 6.26 -19.09 -0.32
N LEU A 92 6.07 -17.77 -0.22
CA LEU A 92 4.83 -17.13 -0.68
C LEU A 92 4.73 -17.43 -2.18
N VAL A 93 3.71 -18.21 -2.56
CA VAL A 93 3.52 -18.61 -3.96
C VAL A 93 3.70 -17.48 -4.97
N ASN A 94 2.97 -16.38 -4.79
CA ASN A 94 3.11 -15.23 -5.66
C ASN A 94 2.51 -13.99 -4.98
N LEU A 95 2.76 -12.82 -5.56
CA LEU A 95 2.25 -11.57 -5.00
C LEU A 95 0.79 -11.32 -5.36
N THR A 96 0.37 -11.82 -6.52
CA THR A 96 -0.99 -11.65 -7.01
C THR A 96 -2.07 -12.14 -6.05
N LEU A 97 -1.84 -13.28 -5.39
CA LEU A 97 -2.83 -13.82 -4.46
C LEU A 97 -3.14 -12.89 -3.29
N LEU A 98 -2.28 -11.89 -3.07
CA LEU A 98 -2.48 -10.92 -2.00
C LEU A 98 -3.69 -10.02 -2.28
N ALA A 99 -4.14 -10.01 -3.53
CA ALA A 99 -5.31 -9.24 -3.92
C ALA A 99 -6.63 -10.01 -3.76
N GLU A 100 -6.63 -11.04 -2.92
CA GLU A 100 -7.84 -11.81 -2.62
C GLU A 100 -8.75 -10.82 -1.85
N PRO A 101 -9.93 -10.51 -2.39
CA PRO A 101 -10.86 -9.57 -1.74
C PRO A 101 -11.40 -9.97 -0.38
N HIS A 102 -11.71 -8.95 0.41
CA HIS A 102 -12.24 -9.11 1.75
C HIS A 102 -11.38 -10.02 2.62
N ALA A 103 -10.07 -9.75 2.62
CA ALA A 103 -9.13 -10.52 3.40
C ALA A 103 -8.08 -9.53 3.89
N PHE A 104 -6.90 -9.56 3.28
CA PHE A 104 -5.85 -8.62 3.65
C PHE A 104 -6.20 -7.41 2.78
N GLU A 105 -6.52 -7.69 1.51
CA GLU A 105 -6.93 -6.68 0.56
C GLU A 105 -8.33 -6.26 1.06
N HIS A 106 -8.55 -4.96 1.18
CA HIS A 106 -9.81 -4.41 1.67
C HIS A 106 -10.44 -3.38 0.71
N ASP A 107 -11.66 -2.97 1.01
CA ASP A 107 -12.36 -1.97 0.19
C ASP A 107 -11.83 -0.57 0.50
N HIS A 108 -12.34 0.41 -0.24
CA HIS A 108 -11.97 1.83 -0.12
C HIS A 108 -10.48 2.14 -0.03
N SER A 109 -9.71 1.62 -0.99
CA SER A 109 -8.26 1.86 -1.05
C SER A 109 -8.02 3.28 -1.53
N PHE A 110 -6.79 3.76 -1.37
CA PHE A 110 -6.43 5.11 -1.79
C PHE A 110 -6.20 5.19 -3.31
N SER A 111 -5.73 4.09 -3.91
CA SER A 111 -5.41 4.08 -5.32
C SER A 111 -5.87 2.89 -6.17
N ARG A 112 -6.73 2.04 -5.63
CA ARG A 112 -7.24 0.90 -6.38
C ARG A 112 -8.76 0.88 -6.29
N LYS A 113 -9.40 0.35 -7.33
CA LYS A 113 -10.85 0.23 -7.34
C LYS A 113 -11.23 -0.99 -6.50
N ASP A 114 -12.48 -1.06 -6.08
CA ASP A 114 -12.96 -2.18 -5.29
C ASP A 114 -13.33 -3.33 -6.21
N TYR A 115 -13.33 -4.53 -5.65
CA TYR A 115 -13.62 -5.76 -6.39
C TYR A 115 -14.94 -5.70 -7.18
N LYS A 116 -15.98 -5.17 -6.57
CA LYS A 116 -17.26 -5.06 -7.26
C LYS A 116 -17.65 -3.58 -7.39
N GLN A 117 -16.71 -2.75 -7.79
CA GLN A 117 -17.00 -1.33 -7.95
C GLN A 117 -17.70 -1.06 -9.28
N GLY A 118 -18.90 -0.46 -9.20
CA GLY A 118 -19.65 -0.09 -10.39
C GLY A 118 -20.02 -1.17 -11.39
N VAL A 119 -20.19 -2.41 -10.94
CA VAL A 119 -20.57 -3.50 -11.85
C VAL A 119 -22.10 -3.62 -11.89
N ALA A 120 -22.63 -3.90 -13.08
CA ALA A 120 -24.06 -4.04 -13.30
C ALA A 120 -24.63 -5.37 -12.81
N ASN A 121 -23.82 -6.41 -12.77
CA ASN A 121 -24.28 -7.71 -12.32
C ASN A 121 -23.52 -8.18 -11.09
N SER A 122 -24.23 -8.82 -10.18
CA SER A 122 -23.65 -9.32 -8.94
C SER A 122 -22.47 -10.27 -9.15
N ASN A 123 -22.51 -11.03 -10.24
CA ASN A 123 -21.44 -11.98 -10.55
C ASN A 123 -20.18 -11.36 -11.13
N ASP A 124 -20.25 -10.10 -11.53
CA ASP A 124 -19.10 -9.43 -12.10
C ASP A 124 -18.14 -8.95 -11.02
N PHE A 125 -16.90 -8.73 -11.41
CA PHE A 125 -15.87 -8.25 -10.50
C PHE A 125 -14.81 -7.62 -11.38
N ILE A 126 -14.00 -6.73 -10.83
CA ILE A 126 -12.98 -6.06 -11.64
C ILE A 126 -11.62 -6.03 -10.98
N ASP A 127 -10.69 -5.39 -11.66
CA ASP A 127 -9.31 -5.22 -11.20
C ASP A 127 -9.23 -4.35 -9.93
N ASN A 128 -9.01 -5.02 -8.80
CA ASN A 128 -8.87 -4.36 -7.49
C ASN A 128 -7.40 -4.44 -7.05
N ARG A 129 -6.51 -4.74 -8.01
CA ARG A 129 -5.09 -4.91 -7.72
C ARG A 129 -4.14 -3.88 -8.33
N ASN A 130 -4.30 -3.60 -9.61
CA ASN A 130 -3.43 -2.64 -10.31
C ASN A 130 -3.71 -1.18 -9.93
N PHE A 131 -2.68 -0.35 -10.02
CA PHE A 131 -2.79 1.09 -9.74
C PHE A 131 -3.80 1.72 -10.70
N ASP A 132 -4.73 2.49 -10.17
CA ASP A 132 -5.73 3.15 -10.99
C ASP A 132 -5.58 4.66 -10.81
N ALA A 133 -5.11 5.34 -11.85
CA ALA A 133 -4.91 6.78 -11.80
C ALA A 133 -6.15 7.60 -11.37
N GLU A 134 -7.32 7.24 -11.90
CA GLU A 134 -8.55 7.97 -11.56
C GLU A 134 -8.87 7.84 -10.07
N THR A 135 -8.75 6.64 -9.53
CA THR A 135 -9.00 6.41 -8.11
C THR A 135 -8.01 7.23 -7.26
N PHE A 136 -6.74 7.21 -7.65
CA PHE A 136 -5.73 7.95 -6.90
C PHE A 136 -6.05 9.45 -6.93
N GLN A 137 -6.57 9.89 -8.07
CA GLN A 137 -6.95 11.28 -8.27
C GLN A 137 -8.00 11.71 -7.22
N THR A 138 -8.94 10.82 -6.89
CA THR A 138 -9.96 11.16 -5.90
C THR A 138 -9.32 11.34 -4.51
N SER A 139 -8.12 10.78 -4.30
CA SER A 139 -7.41 10.92 -3.03
C SER A 139 -6.66 12.26 -3.04
N LEU A 140 -6.00 12.54 -4.16
CA LEU A 140 -5.23 13.76 -4.34
C LEU A 140 -6.07 15.04 -4.32
N ASP A 141 -7.31 14.97 -4.81
CA ASP A 141 -8.18 16.15 -4.85
C ASP A 141 -8.41 16.75 -3.47
N VAL A 142 -8.52 15.90 -2.46
CA VAL A 142 -8.74 16.34 -1.10
C VAL A 142 -7.66 17.31 -0.64
N VAL A 143 -6.44 17.16 -1.15
CA VAL A 143 -5.35 18.05 -0.76
C VAL A 143 -4.78 18.80 -1.95
N ALA A 144 -5.66 19.17 -2.87
CA ALA A 144 -5.27 19.92 -4.07
C ALA A 144 -4.66 21.28 -3.72
N GLY A 145 -3.57 21.62 -4.42
CA GLY A 145 -2.91 22.89 -4.19
C GLY A 145 -1.90 22.96 -3.05
N LYS A 146 -1.71 21.85 -2.36
CA LYS A 146 -0.77 21.80 -1.24
C LYS A 146 0.47 21.00 -1.57
N THR A 147 1.53 21.20 -0.81
CA THR A 147 2.75 20.46 -1.04
C THR A 147 2.93 19.40 0.06
N HIS A 148 2.31 19.66 1.21
CA HIS A 148 2.38 18.76 2.37
C HIS A 148 1.01 18.59 3.00
N PHE A 149 0.86 17.56 3.82
CA PHE A 149 -0.40 17.35 4.53
C PHE A 149 -0.18 16.63 5.85
N ASP A 150 -1.09 16.83 6.81
CA ASP A 150 -0.95 16.23 8.13
C ASP A 150 -1.98 15.16 8.45
N TYR A 151 -1.99 14.72 9.70
CA TYR A 151 -2.91 13.68 10.17
C TYR A 151 -4.37 14.01 9.86
N ALA A 152 -4.77 15.26 10.09
CA ALA A 152 -6.15 15.69 9.84
C ALA A 152 -6.53 15.53 8.38
N ASP A 153 -5.62 15.91 7.48
CA ASP A 153 -5.87 15.81 6.04
C ASP A 153 -6.04 14.36 5.63
N MET A 154 -5.17 13.49 6.16
CA MET A 154 -5.22 12.07 5.86
C MET A 154 -6.55 11.47 6.29
N ASN A 155 -7.08 11.93 7.42
CA ASN A 155 -8.36 11.45 7.92
C ASN A 155 -9.46 11.84 6.91
N GLU A 156 -9.34 13.04 6.34
CA GLU A 156 -10.30 13.51 5.33
C GLU A 156 -10.23 12.62 4.09
N ILE A 157 -9.01 12.31 3.65
CA ILE A 157 -8.79 11.45 2.48
C ILE A 157 -9.45 10.09 2.66
N ARG A 158 -9.17 9.41 3.77
CA ARG A 158 -9.76 8.11 4.00
C ARG A 158 -11.28 8.22 4.11
N LEU A 159 -11.79 9.35 4.58
CA LEU A 159 -13.24 9.51 4.67
C LEU A 159 -13.86 9.63 3.28
N GLN A 160 -13.22 10.40 2.40
CA GLN A 160 -13.71 10.56 1.05
C GLN A 160 -13.72 9.24 0.31
N ARG A 161 -12.67 8.45 0.48
CA ARG A 161 -12.58 7.15 -0.18
C ARG A 161 -13.66 6.19 0.30
N GLU A 162 -13.98 6.22 1.59
CA GLU A 162 -15.02 5.35 2.14
C GLU A 162 -16.41 5.73 1.61
N SER A 163 -16.68 7.03 1.52
CA SER A 163 -17.95 7.53 1.00
C SER A 163 -18.16 7.09 -0.45
N LEU A 164 -17.17 7.34 -1.30
CA LEU A 164 -17.23 6.96 -2.71
C LEU A 164 -17.44 5.45 -2.90
N SER A 165 -16.65 4.64 -2.23
CA SER A 165 -16.77 3.19 -2.34
C SER A 165 -18.14 2.68 -1.87
N ASN A 166 -18.62 3.23 -0.76
CA ASN A 166 -19.91 2.84 -0.21
C ASN A 166 -21.03 3.12 -1.22
N GLU A 167 -20.87 4.17 -2.02
CA GLU A 167 -21.86 4.52 -3.02
C GLU A 167 -21.74 3.79 -4.35
N LEU A 168 -20.51 3.58 -4.81
CA LEU A 168 -20.26 2.94 -6.09
C LEU A 168 -20.24 1.41 -6.14
N ASP A 169 -19.90 0.77 -5.03
CA ASP A 169 -19.84 -0.68 -4.99
C ASP A 169 -21.22 -1.31 -5.10
N PHE A 170 -21.27 -2.48 -5.73
CA PHE A 170 -22.52 -3.21 -5.89
C PHE A 170 -23.15 -3.36 -4.50
N PRO A 171 -24.47 -3.19 -4.41
CA PRO A 171 -25.20 -3.30 -3.14
C PRO A 171 -24.89 -4.55 -2.32
N GLY A 172 -24.41 -4.35 -1.10
CA GLY A 172 -24.09 -5.47 -0.23
C GLY A 172 -22.61 -5.84 -0.19
N TRP A 173 -21.81 -5.29 -1.09
CA TRP A 173 -20.39 -5.60 -1.14
C TRP A 173 -19.53 -4.83 -0.15
N PHE A 174 -19.66 -3.51 -0.15
CA PHE A 174 -18.85 -2.66 0.72
C PHE A 174 -18.72 -3.14 2.15
N THR A 175 -17.48 -3.15 2.64
CA THR A 175 -17.16 -3.57 3.99
C THR A 175 -16.05 -2.65 4.48
N GLU A 176 -16.34 -1.89 5.52
CA GLU A 176 -15.35 -0.97 6.06
C GLU A 176 -14.21 -1.77 6.69
N SER A 177 -12.99 -1.25 6.58
CA SER A 177 -11.82 -1.93 7.11
C SER A 177 -10.82 -0.90 7.66
N LYS A 178 -11.21 -0.22 8.74
CA LYS A 178 -10.38 0.81 9.37
C LYS A 178 -9.04 0.37 9.95
N PRO A 179 -9.02 -0.77 10.67
CA PRO A 179 -7.77 -1.26 11.26
C PRO A 179 -6.63 -1.46 10.27
N ILE A 180 -6.90 -2.19 9.19
CA ILE A 180 -5.86 -2.45 8.19
C ILE A 180 -5.53 -1.20 7.37
N GLN A 181 -6.55 -0.47 6.93
CA GLN A 181 -6.30 0.72 6.13
C GLN A 181 -5.45 1.74 6.86
N ASN A 182 -5.73 1.98 8.13
CA ASN A 182 -4.98 2.98 8.85
C ASN A 182 -3.58 2.62 9.33
N VAL A 183 -3.25 1.34 9.23
CA VAL A 183 -1.91 0.89 9.53
C VAL A 183 -1.19 1.37 8.26
N GLU A 184 -1.88 1.26 7.14
CA GLU A 184 -1.35 1.70 5.85
C GLU A 184 -1.21 3.22 5.82
N SER A 185 -2.12 3.91 6.50
CA SER A 185 -2.03 5.37 6.61
C SER A 185 -0.70 5.61 7.34
N GLY A 186 -0.46 4.85 8.41
CA GLY A 186 0.78 4.95 9.16
C GLY A 186 2.01 4.63 8.31
N PHE A 187 1.88 3.62 7.44
CA PHE A 187 2.97 3.24 6.53
C PHE A 187 3.37 4.45 5.69
N ILE A 188 2.37 5.16 5.16
CA ILE A 188 2.62 6.34 4.31
C ILE A 188 3.42 7.42 5.05
N PHE A 189 2.99 7.74 6.27
CA PHE A 189 3.69 8.75 7.07
C PHE A 189 5.09 8.27 7.43
N ALA A 190 5.25 6.96 7.64
CA ALA A 190 6.55 6.39 7.98
C ALA A 190 7.54 6.50 6.83
N LEU A 191 7.07 6.25 5.61
CA LEU A 191 7.96 6.30 4.46
C LEU A 191 8.16 7.66 3.79
N VAL A 192 7.08 8.39 3.55
CA VAL A 192 7.21 9.67 2.86
C VAL A 192 6.94 10.99 3.60
N SER A 193 7.06 10.97 4.94
CA SER A 193 6.88 12.21 5.69
C SER A 193 8.20 12.99 5.49
N ASP A 194 8.14 14.30 5.64
CA ASP A 194 9.30 15.17 5.42
C ASP A 194 10.31 15.22 6.57
N PHE A 195 11.36 14.42 6.46
CA PHE A 195 12.41 14.36 7.47
C PHE A 195 13.30 15.61 7.50
N ASN A 196 13.10 16.51 6.55
CA ASN A 196 13.89 17.74 6.52
C ASN A 196 13.33 18.77 7.50
N LEU A 197 12.11 18.55 7.97
CA LEU A 197 11.46 19.45 8.91
C LEU A 197 11.90 19.16 10.35
N PRO A 198 12.10 20.21 11.16
CA PRO A 198 12.52 20.14 12.56
C PRO A 198 11.81 19.15 13.49
N ASP A 199 10.48 19.12 13.46
CA ASP A 199 9.76 18.21 14.33
C ASP A 199 9.04 17.07 13.62
N ASN A 200 9.72 16.47 12.66
CA ASN A 200 9.16 15.36 11.87
C ASN A 200 8.70 14.17 12.71
N ASP A 201 9.39 13.90 13.81
CA ASP A 201 9.01 12.77 14.64
C ASP A 201 7.74 12.98 15.45
N GLU A 202 7.44 14.22 15.82
CA GLU A 202 6.22 14.48 16.58
C GLU A 202 5.05 14.94 15.74
N ASN A 203 5.32 15.70 14.68
CA ASN A 203 4.26 16.17 13.81
C ASN A 203 4.68 15.98 12.36
N PRO A 204 4.69 14.73 11.89
CA PRO A 204 5.08 14.41 10.51
C PRO A 204 4.14 14.94 9.43
N LEU A 205 4.71 15.47 8.37
CA LEU A 205 3.93 15.99 7.26
C LEU A 205 4.34 15.24 6.00
N VAL A 206 3.38 14.64 5.31
CA VAL A 206 3.68 13.90 4.07
C VAL A 206 3.96 14.87 2.91
N ARG A 207 4.99 14.57 2.12
CA ARG A 207 5.32 15.38 0.96
C ARG A 207 4.55 14.74 -0.17
N ILE A 208 3.62 15.50 -0.74
CA ILE A 208 2.77 14.98 -1.81
C ILE A 208 3.51 14.52 -3.07
N ASP A 209 4.55 15.24 -3.48
CA ASP A 209 5.29 14.83 -4.67
C ASP A 209 5.99 13.47 -4.49
N TRP A 210 6.45 13.20 -3.27
CA TRP A 210 7.11 11.93 -2.96
C TRP A 210 6.06 10.83 -3.02
N TRP A 211 4.89 11.09 -2.45
CA TRP A 211 3.80 10.13 -2.44
C TRP A 211 3.35 9.79 -3.86
N LYS A 212 3.17 10.81 -4.70
CA LYS A 212 2.74 10.60 -6.08
C LYS A 212 3.72 9.75 -6.88
N TYR A 213 5.00 10.07 -6.75
CA TYR A 213 6.06 9.35 -7.44
C TYR A 213 6.04 7.87 -7.07
N TRP A 214 6.08 7.59 -5.78
CA TRP A 214 6.06 6.21 -5.28
C TRP A 214 4.87 5.40 -5.80
N PHE A 215 3.64 5.90 -5.60
CA PHE A 215 2.43 5.21 -6.05
C PHE A 215 2.27 5.06 -7.56
N THR A 216 2.50 6.14 -8.29
CA THR A 216 2.35 6.15 -9.75
C THR A 216 3.45 5.37 -10.48
N ASN A 217 4.69 5.59 -10.08
CA ASN A 217 5.80 4.96 -10.73
C ASN A 217 6.21 3.60 -10.17
N GLU A 218 5.83 3.31 -8.93
CA GLU A 218 6.19 2.05 -8.28
C GLU A 218 7.71 1.88 -8.28
N SER A 219 8.35 2.97 -7.88
CA SER A 219 9.80 3.07 -7.73
C SER A 219 10.03 4.18 -6.70
N PHE A 220 11.29 4.42 -6.33
CA PHE A 220 11.63 5.41 -5.30
C PHE A 220 11.95 6.82 -5.79
N PRO A 221 11.40 7.86 -5.10
CA PRO A 221 11.60 9.28 -5.42
C PRO A 221 12.94 9.90 -5.07
N TYR A 222 14.03 9.23 -5.42
CA TYR A 222 15.37 9.74 -5.16
C TYR A 222 15.62 11.04 -5.91
N HIS A 223 15.09 11.15 -7.12
CA HIS A 223 15.25 12.38 -7.91
C HIS A 223 14.61 13.60 -7.22
N LEU A 224 13.71 13.34 -6.28
CA LEU A 224 13.01 14.40 -5.55
C LEU A 224 13.59 14.73 -4.18
N GLY A 225 14.73 14.13 -3.84
CA GLY A 225 15.37 14.39 -2.56
C GLY A 225 15.06 13.38 -1.49
N TRP A 226 14.25 12.38 -1.82
CA TRP A 226 13.90 11.34 -0.85
C TRP A 226 15.09 10.39 -0.64
N HIS A 227 15.09 9.72 0.49
CA HIS A 227 16.09 8.70 0.83
C HIS A 227 15.44 7.91 1.95
N PRO A 228 15.79 6.63 2.09
CA PRO A 228 15.18 5.81 3.16
C PRO A 228 15.37 6.47 4.53
N PRO A 229 14.33 6.43 5.38
CA PRO A 229 14.51 7.05 6.69
C PRO A 229 15.63 6.38 7.49
N SER A 230 16.39 7.20 8.21
CA SER A 230 17.49 6.71 9.02
C SER A 230 17.47 7.45 10.34
N PRO A 231 17.40 6.70 11.47
CA PRO A 231 17.34 5.23 11.52
C PRO A 231 16.02 4.68 11.01
N ALA A 232 16.00 3.37 10.75
CA ALA A 232 14.79 2.71 10.24
C ALA A 232 13.59 2.88 11.16
N ARG A 233 12.43 3.15 10.56
CA ARG A 233 11.19 3.34 11.29
C ARG A 233 10.79 2.05 11.98
N GLU A 234 10.23 2.16 13.18
CA GLU A 234 9.77 1.02 13.96
C GLU A 234 8.24 1.05 14.06
N ILE A 235 7.64 -0.07 14.48
CA ILE A 235 6.19 -0.20 14.60
C ILE A 235 5.54 0.89 15.47
N GLU A 236 6.29 1.39 16.46
CA GLU A 236 5.80 2.43 17.35
C GLU A 236 5.30 3.65 16.58
N PHE A 237 6.11 4.11 15.64
CA PHE A 237 5.77 5.27 14.81
C PHE A 237 4.48 5.02 14.00
N VAL A 238 4.40 3.85 13.39
CA VAL A 238 3.25 3.46 12.58
C VAL A 238 1.90 3.39 13.30
N THR A 239 1.83 2.70 14.43
CA THR A 239 0.57 2.60 15.14
C THR A 239 0.17 3.94 15.78
N SER A 240 1.17 4.73 16.17
CA SER A 240 0.90 6.03 16.78
C SER A 240 0.29 6.95 15.71
N ALA A 241 0.88 6.94 14.51
CA ALA A 241 0.38 7.74 13.40
C ALA A 241 -1.02 7.27 13.03
N SER A 242 -1.22 5.95 13.03
CA SER A 242 -2.51 5.35 12.71
C SER A 242 -3.58 5.90 13.67
N SER A 243 -3.23 5.92 14.95
CA SER A 243 -4.12 6.42 16.00
C SER A 243 -4.37 7.93 15.88
N ALA A 244 -3.34 8.69 15.56
CA ALA A 244 -3.44 10.13 15.42
C ALA A 244 -4.35 10.52 14.27
N VAL A 245 -4.34 9.72 13.20
CA VAL A 245 -5.18 9.99 12.04
C VAL A 245 -6.66 9.85 12.39
N LEU A 246 -7.02 8.74 13.03
CA LEU A 246 -8.40 8.48 13.41
C LEU A 246 -8.93 9.39 14.51
N ALA A 247 -8.01 10.03 15.24
CA ALA A 247 -8.37 10.94 16.32
C ALA A 247 -8.48 12.39 15.82
N ALA A 248 -7.90 12.67 14.65
CA ALA A 248 -7.93 14.00 14.07
C ALA A 248 -9.35 14.53 13.87
N SER A 249 -9.55 15.80 14.19
CA SER A 249 -10.86 16.43 14.05
C SER A 249 -11.22 16.62 12.58
N VAL A 250 -12.47 16.30 12.25
CA VAL A 250 -12.99 16.40 10.89
C VAL A 250 -13.67 17.76 10.66
N THR A 251 -13.21 18.49 9.65
CA THR A 251 -13.81 19.78 9.35
C THR A 251 -14.74 19.74 8.12
N SER A 252 -14.89 18.55 7.53
CA SER A 252 -15.76 18.35 6.37
C SER A 252 -16.18 16.89 6.31
N THR A 253 -17.46 16.66 6.58
CA THR A 253 -18.02 15.32 6.59
C THR A 253 -18.74 14.97 5.28
N PRO A 254 -18.22 13.97 4.53
CA PRO A 254 -18.81 13.53 3.26
C PRO A 254 -20.14 12.82 3.50
N SER A 255 -20.98 12.75 2.47
CA SER A 255 -22.26 12.06 2.58
C SER A 255 -22.10 10.56 2.35
N SER A 256 -23.18 9.81 2.57
CA SER A 256 -23.19 8.35 2.40
C SER A 256 -22.00 7.65 3.05
N LEU A 257 -21.61 8.14 4.21
CA LEU A 257 -20.50 7.59 4.98
C LEU A 257 -20.99 6.38 5.76
N PRO A 258 -20.22 5.27 5.75
CA PRO A 258 -20.67 4.09 6.50
C PRO A 258 -20.83 4.40 7.98
N SER A 259 -21.67 3.62 8.65
CA SER A 259 -21.89 3.81 10.08
C SER A 259 -20.58 3.66 10.86
N GLY A 260 -20.36 4.56 11.82
CA GLY A 260 -19.15 4.52 12.63
C GLY A 260 -17.85 4.86 11.95
N ALA A 261 -17.91 5.41 10.75
CA ALA A 261 -16.71 5.77 9.99
C ALA A 261 -15.85 6.75 10.77
N ILE A 262 -16.50 7.70 11.44
CA ILE A 262 -15.79 8.72 12.21
C ILE A 262 -15.57 8.19 13.63
N GLY A 263 -14.33 8.26 14.09
CA GLY A 263 -14.04 7.79 15.43
C GLY A 263 -12.82 6.89 15.44
N PRO A 264 -12.38 6.44 16.62
CA PRO A 264 -11.22 5.56 16.78
C PRO A 264 -11.47 4.17 16.19
N GLY A 265 -10.39 3.48 15.82
CA GLY A 265 -10.53 2.15 15.26
C GLY A 265 -9.85 1.10 16.11
N ALA A 266 -10.24 -0.15 15.93
CA ALA A 266 -9.64 -1.26 16.67
C ALA A 266 -8.25 -1.55 16.11
N GLU A 267 -7.38 -2.13 16.91
CA GLU A 267 -6.05 -2.45 16.41
C GLU A 267 -6.11 -3.66 15.49
N ALA A 268 -5.25 -3.66 14.48
CA ALA A 268 -5.19 -4.75 13.51
C ALA A 268 -4.71 -6.04 14.17
N VAL A 269 -5.34 -7.16 13.80
CA VAL A 269 -4.99 -8.47 14.34
C VAL A 269 -4.86 -9.46 13.19
N PRO A 270 -4.23 -10.63 13.45
CA PRO A 270 -4.09 -11.63 12.39
C PRO A 270 -5.44 -12.13 11.90
N LEU A 271 -5.53 -12.39 10.60
CA LEU A 271 -6.75 -12.87 9.96
C LEU A 271 -6.99 -14.35 10.23
N SER A 272 -8.21 -14.79 9.92
CA SER A 272 -8.62 -16.18 10.11
C SER A 272 -9.79 -16.47 9.16
N PHE A 273 -9.73 -17.58 8.42
CA PHE A 273 -10.76 -17.92 7.47
C PHE A 273 -11.38 -19.29 7.70
N ALA A 274 -12.70 -19.37 7.67
CA ALA A 274 -13.40 -20.63 7.87
C ALA A 274 -13.05 -21.62 6.76
N SER A 275 -12.83 -22.87 7.14
CA SER A 275 -12.48 -23.92 6.19
C SER A 275 -13.61 -24.19 5.19
N THR A 276 -14.81 -23.82 5.57
CA THR A 276 -16.00 -24.00 4.73
C THR A 276 -16.02 -23.00 3.58
N MET A 277 -15.34 -21.87 3.78
CA MET A 277 -15.30 -20.79 2.81
C MET A 277 -14.36 -20.96 1.62
N THR A 278 -14.92 -20.74 0.43
CA THR A 278 -14.19 -20.83 -0.83
C THR A 278 -13.71 -19.41 -1.18
N PRO A 279 -12.47 -19.27 -1.67
CA PRO A 279 -11.96 -17.93 -2.02
C PRO A 279 -12.57 -17.37 -3.31
N PHE A 280 -12.59 -16.04 -3.42
CA PHE A 280 -13.09 -15.36 -4.60
C PHE A 280 -12.02 -15.47 -5.68
N LEU A 281 -12.43 -15.46 -6.95
CA LEU A 281 -11.49 -15.54 -8.05
C LEU A 281 -10.64 -14.26 -8.11
N LEU A 282 -9.38 -14.43 -8.45
CA LEU A 282 -8.44 -13.33 -8.56
C LEU A 282 -8.57 -12.65 -9.92
N ALA A 283 -8.40 -11.33 -9.95
CA ALA A 283 -8.44 -10.59 -11.21
C ALA A 283 -7.19 -11.07 -11.95
N THR A 284 -7.31 -11.30 -13.26
CA THR A 284 -6.20 -11.82 -14.05
C THR A 284 -5.48 -10.81 -14.92
N ASN A 285 -5.71 -9.54 -14.65
CA ASN A 285 -5.09 -8.47 -15.43
C ASN A 285 -3.57 -8.48 -15.35
N ALA A 286 -2.92 -8.14 -16.47
CA ALA A 286 -1.47 -8.10 -16.54
C ALA A 286 -0.95 -7.02 -15.59
N PRO A 287 0.33 -7.09 -15.20
CA PRO A 287 0.94 -6.12 -14.29
C PRO A 287 0.98 -4.70 -14.85
N TYR A 288 0.57 -3.73 -14.02
CA TYR A 288 0.62 -2.33 -14.39
C TYR A 288 2.05 -1.83 -14.27
N TYR A 289 2.44 -0.91 -15.16
CA TYR A 289 3.77 -0.27 -15.11
C TYR A 289 3.63 1.11 -15.75
N ALA A 290 4.39 2.08 -15.23
CA ALA A 290 4.34 3.46 -15.72
C ALA A 290 4.62 3.61 -17.21
N GLN A 291 3.72 4.27 -17.92
CA GLN A 291 3.87 4.47 -19.36
C GLN A 291 3.97 5.92 -19.80
N ASP A 292 3.70 6.88 -18.92
CA ASP A 292 3.76 8.28 -19.32
C ASP A 292 4.54 9.17 -18.35
N PRO A 293 5.88 9.14 -18.41
CA PRO A 293 6.71 8.33 -19.32
C PRO A 293 7.09 6.96 -18.74
N THR A 294 7.75 6.13 -19.55
CA THR A 294 8.21 4.84 -19.06
C THR A 294 9.47 5.18 -18.27
N LEU A 295 9.77 4.37 -17.26
CA LEU A 295 10.94 4.64 -16.43
C LEU A 295 12.23 4.02 -16.94
N GLY A 296 13.32 4.71 -16.68
CA GLY A 296 14.64 4.22 -17.05
C GLY A 296 15.16 3.45 -15.85
N PRO A 297 16.35 2.84 -15.95
CA PRO A 297 16.92 2.06 -14.84
C PRO A 297 17.19 2.83 -13.55
N ASN A 298 17.42 4.13 -13.65
CA ASN A 298 17.72 4.96 -12.48
C ASN A 298 16.54 5.73 -11.93
N ASP A 299 15.34 5.43 -12.42
CA ASP A 299 14.14 6.12 -11.98
C ASP A 299 13.37 5.32 -10.96
C1 NAG B . -0.93 -16.63 -8.20
C2 NAG B . -1.29 -16.81 -9.67
C3 NAG B . -2.76 -17.11 -9.84
C4 NAG B . -3.17 -18.24 -8.96
C5 NAG B . -2.82 -17.99 -7.52
C6 NAG B . -3.17 -19.18 -6.67
C7 NAG B . 0.06 -15.30 -11.04
C8 NAG B . 0.12 -13.99 -11.80
N2 NAG B . -1.07 -15.61 -10.43
O3 NAG B . -3.07 -17.44 -11.15
O4 NAG B . -4.57 -18.30 -9.05
O5 NAG B . -1.39 -17.74 -7.43
O6 NAG B . -2.54 -20.32 -7.21
O7 NAG B . 1.06 -16.02 -10.99
C1 NAG B . -5.23 -19.44 -9.51
C2 NAG B . -6.74 -19.24 -9.44
C3 NAG B . -7.46 -20.47 -10.01
C4 NAG B . -6.94 -20.82 -11.44
C5 NAG B . -5.36 -20.92 -11.44
C6 NAG B . -4.72 -21.09 -12.83
C7 NAG B . -7.95 -17.98 -7.74
C8 NAG B . -8.42 -17.87 -6.30
N2 NAG B . -7.22 -19.04 -8.08
O3 NAG B . -8.85 -20.33 -10.06
O4 NAG B . -7.56 -22.07 -11.77
O5 NAG B . -4.82 -19.69 -10.85
O6 NAG B . -4.75 -19.88 -13.58
O7 NAG B . -8.25 -17.09 -8.54
C1 NAG C . 7.61 9.13 -12.61
C2 NAG C . 7.20 10.53 -12.16
C3 NAG C . 7.64 11.54 -13.24
C4 NAG C . 9.15 11.38 -13.52
C5 NAG C . 9.50 9.93 -13.91
C6 NAG C . 11.01 9.65 -14.07
C7 NAG C . 5.21 11.11 -10.86
C8 NAG C . 3.71 11.19 -10.76
N2 NAG C . 5.76 10.62 -11.97
O3 NAG C . 7.41 12.84 -12.79
O4 NAG C . 9.57 12.26 -14.55
O5 NAG C . 9.03 9.08 -12.89
O6 NAG C . 11.69 9.92 -12.86
O7 NAG C . 5.89 11.48 -9.90
C1 NAG C . 10.47 13.28 -14.16
C2 NAG C . 11.15 13.82 -15.40
C3 NAG C . 12.06 14.95 -14.94
C4 NAG C . 11.16 16.12 -14.48
C5 NAG C . 10.31 15.60 -13.25
C6 NAG C . 9.13 16.55 -12.89
C7 NAG C . 11.39 12.31 -17.24
C8 NAG C . 12.24 11.22 -17.90
N2 NAG C . 11.88 12.80 -16.11
O3 NAG C . 12.95 15.35 -15.98
O4 NAG C . 11.98 17.25 -14.19
O5 NAG C . 9.69 14.29 -13.56
O6 NAG C . 8.01 16.32 -13.75
O7 NAG C . 10.34 12.70 -17.75
C1 NAG D . 27.57 3.82 2.78
C2 NAG D . 27.32 3.41 4.20
C3 NAG D . 27.86 4.46 5.16
C4 NAG D . 29.37 4.65 4.95
C5 NAG D . 29.59 5.03 3.47
C6 NAG D . 31.08 5.09 3.10
C7 NAG D . 25.34 2.16 4.85
C8 NAG D . 23.83 2.18 5.00
N2 NAG D . 25.89 3.28 4.39
O3 NAG D . 27.63 4.11 6.51
O4 NAG D . 29.82 5.64 5.86
O5 NAG D . 28.96 4.05 2.62
O6 NAG D . 31.60 3.78 2.87
O7 NAG D . 25.99 1.16 5.15
C1 MAN E . 1.10 2.13 18.47
C2 MAN E . 2.27 2.31 19.43
C3 MAN E . 2.90 0.99 19.80
C4 MAN E . 1.88 -0.04 20.24
C5 MAN E . 0.76 -0.16 19.19
C6 MAN E . -0.40 -1.14 19.54
O2 MAN E . 1.81 2.87 20.64
O3 MAN E . 3.76 1.21 20.89
O4 MAN E . 2.59 -1.22 20.35
O5 MAN E . 0.19 1.15 18.97
O6 MAN E . -1.66 -0.57 19.19
C1 MAN F . 2.98 8.60 18.49
C2 MAN F . 2.46 9.95 18.98
C3 MAN F . 2.28 10.94 17.79
C4 MAN F . 3.50 11.03 16.90
C5 MAN F . 3.84 9.62 16.43
C6 MAN F . 5.08 9.58 15.53
O2 MAN F . 3.42 10.53 19.82
O3 MAN F . 2.07 12.23 18.32
O4 MAN F . 3.24 11.90 15.84
O5 MAN F . 4.08 8.78 17.59
O6 MAN F . 6.24 9.66 16.34
C1 MAN G . -3.81 1.83 13.12
C2 MAN G . -5.22 1.30 12.93
C3 MAN G . -6.15 1.84 14.01
C4 MAN G . -5.61 1.52 15.39
C5 MAN G . -4.19 2.08 15.53
C6 MAN G . -3.49 1.73 16.83
O2 MAN G . -5.21 -0.12 13.01
O3 MAN G . -7.42 1.24 13.86
O4 MAN G . -6.49 2.05 16.35
O5 MAN G . -3.39 1.58 14.48
O6 MAN G . -3.21 0.32 16.83
C1 MAN H . -3.94 6.77 19.72
C2 MAN H . -5.05 7.65 20.38
C3 MAN H . -4.95 9.12 19.94
C4 MAN H . -3.54 9.68 20.06
C5 MAN H . -2.55 8.78 19.27
C6 MAN H . -1.10 9.25 19.48
O2 MAN H . -5.01 7.57 21.78
O3 MAN H . -5.79 9.98 20.70
O4 MAN H . -3.62 11.00 19.54
O5 MAN H . -2.65 7.42 19.74
O6 MAN H . -0.69 9.01 20.84
C1 MAN I . -12.86 19.23 15.61
C2 MAN I . -14.23 19.55 14.89
C3 MAN I . -14.09 20.62 13.76
C4 MAN I . -13.24 21.83 14.26
C5 MAN I . -11.85 21.27 14.66
C6 MAN I . -10.76 22.31 14.94
O2 MAN I . -15.27 19.91 15.78
O3 MAN I . -15.34 21.11 13.29
O4 MAN I . -13.17 22.81 13.25
O5 MAN I . -12.04 20.43 15.84
O6 MAN I . -9.58 21.65 15.42
C1 MAN J . -11.03 21.41 7.43
C2 MAN J . -11.43 21.30 5.94
C3 MAN J . -10.84 20.04 5.27
C4 MAN J . -9.34 19.89 5.53
C5 MAN J . -9.12 19.86 7.08
C6 MAN J . -7.62 19.71 7.41
O2 MAN J . -11.01 22.44 5.21
O3 MAN J . -11.01 20.10 3.88
O4 MAN J . -8.86 18.74 4.89
O5 MAN J . -9.63 21.11 7.65
O6 MAN J . -7.32 20.27 8.67
C1 MAN K . -15.69 18.62 2.59
C2 MAN K . -16.90 18.11 1.75
C3 MAN K . -16.96 16.57 1.57
C4 MAN K . -15.61 16.02 1.12
C5 MAN K . -14.54 16.48 2.17
C6 MAN K . -13.13 15.98 1.83
O2 MAN K . -16.84 18.66 0.44
O3 MAN K . -17.93 16.25 0.57
O4 MAN K . -15.68 14.62 0.97
O5 MAN K . -14.49 17.94 2.22
O6 MAN K . -12.58 16.86 0.85
C1 MAN L . -18.96 16.64 9.80
C2 MAN L . -17.89 17.25 10.72
C3 MAN L . -17.44 16.25 11.81
C4 MAN L . -18.61 15.62 12.51
C5 MAN L . -19.55 14.97 11.48
C6 MAN L . -20.80 14.28 12.08
O2 MAN L . -18.32 18.43 11.36
O3 MAN L . -16.67 16.89 12.81
O4 MAN L . -18.04 14.69 13.40
O5 MAN L . -19.98 16.00 10.56
O6 MAN L . -21.86 15.22 12.30
MN MN M . -8.40 -2.57 -1.93
CHA HEM N . -1.60 -2.02 0.60
CHB HEM N . 0.37 -6.31 1.80
CHC HEM N . 4.19 -3.93 3.60
CHD HEM N . 2.36 0.31 2.12
C1A HEM N . -1.38 -3.40 0.75
C2A HEM N . -2.41 -4.40 0.70
C3A HEM N . -1.82 -5.59 0.83
C4A HEM N . -0.49 -5.35 1.28
CMA HEM N . -2.47 -6.97 0.68
CAA HEM N . -3.92 -4.12 0.72
CBA HEM N . -4.41 -3.46 -0.51
CGA HEM N . -5.61 -2.58 -0.23
O1A HEM N . -5.44 -1.35 -0.16
O2A HEM N . -6.74 -3.12 -0.13
C1B HEM N . 1.64 -6.06 2.34
C2B HEM N . 2.53 -7.06 2.87
C3B HEM N . 3.58 -6.38 3.42
C4B HEM N . 3.36 -4.97 3.17
CMB HEM N . 2.28 -8.59 2.80
CAB HEM N . 4.67 -6.89 4.13
CBB HEM N . 5.46 -8.05 3.83
C1C HEM N . 4.05 -2.58 3.32
C2C HEM N . 4.91 -1.53 3.83
C3C HEM N . 4.51 -0.38 3.25
C4C HEM N . 3.26 -0.66 2.57
CMC HEM N . 6.02 -1.75 4.85
CAC HEM N . 5.11 0.92 3.22
CBC HEM N . 5.95 1.58 4.21
C1D HEM N . 1.12 0.06 1.57
C2D HEM N . 0.13 1.07 1.26
C3D HEM N . -0.98 0.41 0.83
C4D HEM N . -0.69 -1.00 0.88
CMD HEM N . 0.35 2.58 1.47
CAD HEM N . -2.31 1.00 0.41
CBD HEM N . -2.50 1.36 -1.06
CGD HEM N . -3.88 1.91 -1.34
O1D HEM N . -4.13 2.34 -2.48
O2D HEM N . -4.74 1.93 -0.44
NA HEM N . -0.21 -3.99 1.17
NB HEM N . 2.22 -4.81 2.42
NC HEM N . 3.05 -2.01 2.54
ND HEM N . 0.60 -1.20 1.33
FE HEM N . 1.45 -3.00 1.72
#